data_4IFU
#
_entry.id   4IFU
#
_cell.length_a   117.587
_cell.length_b   47.282
_cell.length_c   57.593
_cell.angle_alpha   90.00
_cell.angle_beta   102.04
_cell.angle_gamma   90.00
#
_symmetry.space_group_name_H-M   'C 1 2 1'
#
loop_
_entity.id
_entity.type
_entity.pdbx_description
1 polymer 'FAD:protein FMN transferase'
2 non-polymer 'MAGNESIUM ION'
3 water water
#
_entity_poly.entity_id   1
_entity_poly.type   'polypeptide(L)'
_entity_poly.pdbx_seq_one_letter_code
;CGGRARVREYSRAELVIGTLCRVRVYSKRPAAEVHAALEEVFTLLQQQEMVLSANRDDSALAALNAQAGSAPVVVDRSLY
ALLERALFFAEKSGGAFNPALGAVVKLWNIGFDRAAVPDPDALKEALTRCDFRQVHLRAGVSVGAPHTVQLAQAGMQLDL
GAIAKGFLADKIVQLLTAHALDSALVDLGGNIFALGLKYGDVRSAAAQRLEWNVGIRDPHGTGQKPALVVSVRDCSVVTS
GAYERFFERDGVRYHHIIDPVTGFPAHTDVDSVSIFAPRSTDADALATACFVLGYEKSCALLREFPGVDALFIFPDKRVR
ASAGIVDRVRVLDARFVLER
;
_entity_poly.pdbx_strand_id   A
#
loop_
_chem_comp.id
_chem_comp.type
_chem_comp.name
_chem_comp.formula
MG non-polymer 'MAGNESIUM ION' 'Mg 2'
#
# COMPACT_ATOMS: atom_id res chain seq x y z
N ALA A 5 -23.46 -29.84 -1.19
CA ALA A 5 -22.92 -28.85 -2.12
C ALA A 5 -21.39 -28.85 -2.10
N ARG A 6 -20.80 -28.52 -3.24
CA ARG A 6 -19.37 -28.72 -3.43
C ARG A 6 -18.55 -27.43 -3.38
N VAL A 7 -17.35 -27.54 -2.85
CA VAL A 7 -16.46 -26.38 -2.81
C VAL A 7 -15.76 -26.28 -4.15
N ARG A 8 -15.71 -25.08 -4.70
CA ARG A 8 -14.99 -24.84 -5.94
C ARG A 8 -13.99 -23.72 -5.70
N GLU A 9 -12.91 -23.74 -6.46
CA GLU A 9 -11.90 -22.70 -6.37
C GLU A 9 -11.95 -21.91 -7.67
N TYR A 10 -11.88 -20.58 -7.56
CA TYR A 10 -11.94 -19.69 -8.71
C TYR A 10 -10.83 -18.68 -8.63
N SER A 11 -10.30 -18.26 -9.78
CA SER A 11 -9.34 -17.18 -9.84
C SER A 11 -9.59 -16.33 -11.06
N ARG A 12 -9.24 -15.05 -10.96
CA ARG A 12 -9.28 -14.14 -12.08
C ARG A 12 -8.21 -13.10 -11.89
N ALA A 13 -7.58 -12.68 -12.98
CA ALA A 13 -6.49 -11.73 -12.95
C ALA A 13 -6.54 -10.84 -14.18
N GLU A 14 -6.22 -9.56 -13.97
CA GLU A 14 -6.17 -8.60 -15.05
C GLU A 14 -5.10 -7.58 -14.72
N LEU A 15 -4.57 -6.96 -15.75
CA LEU A 15 -3.71 -5.77 -15.62
C LEU A 15 -4.59 -4.54 -15.40
N VAL A 16 -4.39 -3.89 -14.27
CA VAL A 16 -5.25 -2.79 -13.88
C VAL A 16 -4.57 -2.01 -12.76
N ILE A 17 -4.93 -0.73 -12.59
CA ILE A 17 -4.21 0.20 -11.68
C ILE A 17 -2.68 0.08 -11.79
N GLY A 18 -2.18 -0.11 -13.02
CA GLY A 18 -0.75 -0.18 -13.27
C GLY A 18 -0.02 -1.47 -12.92
N THR A 19 -0.75 -2.53 -12.58
CA THR A 19 -0.12 -3.74 -12.07
C THR A 19 -1.03 -4.94 -12.26
N LEU A 20 -0.53 -6.12 -11.91
CA LEU A 20 -1.31 -7.34 -12.05
C LEU A 20 -2.12 -7.50 -10.77
N CYS A 21 -3.44 -7.57 -10.90
CA CYS A 21 -4.32 -7.86 -9.76
C CYS A 21 -5.01 -9.22 -9.95
N ARG A 22 -4.99 -10.05 -8.90
CA ARG A 22 -5.50 -11.42 -8.98
C ARG A 22 -6.30 -11.65 -7.71
N VAL A 23 -7.46 -12.24 -7.87
CA VAL A 23 -8.28 -12.67 -6.73
C VAL A 23 -8.57 -14.16 -6.86
N ARG A 24 -8.40 -14.91 -5.78
CA ARG A 24 -8.66 -16.33 -5.76
C ARG A 24 -9.75 -16.51 -4.72
N VAL A 25 -10.77 -17.28 -5.03
CA VAL A 25 -11.88 -17.48 -4.11
C VAL A 25 -12.19 -18.97 -3.95
N TYR A 26 -12.54 -19.41 -2.74
CA TYR A 26 -13.12 -20.72 -2.50
C TYR A 26 -14.55 -20.52 -2.07
N SER A 27 -15.48 -21.24 -2.67
CA SER A 27 -16.87 -21.00 -2.33
C SER A 27 -17.73 -22.21 -2.69
N LYS A 28 -18.77 -22.40 -1.89
CA LYS A 28 -19.79 -23.38 -2.21
C LYS A 28 -21.03 -22.71 -2.82
N ARG A 29 -21.02 -21.39 -3.01
CA ARG A 29 -22.14 -20.74 -3.69
C ARG A 29 -22.20 -21.10 -5.17
N PRO A 30 -23.36 -20.92 -5.80
CA PRO A 30 -23.45 -21.17 -7.23
C PRO A 30 -22.36 -20.42 -7.97
N ALA A 31 -21.78 -21.06 -8.99
CA ALA A 31 -20.73 -20.46 -9.78
C ALA A 31 -21.13 -19.09 -10.30
N ALA A 32 -22.36 -18.96 -10.75
CA ALA A 32 -22.79 -17.68 -11.33
C ALA A 32 -22.71 -16.56 -10.32
N GLU A 33 -22.92 -16.85 -9.03
CA GLU A 33 -22.75 -15.84 -7.99
C GLU A 33 -21.31 -15.43 -7.78
N VAL A 34 -20.39 -16.38 -7.90
CA VAL A 34 -18.98 -16.04 -7.69
C VAL A 34 -18.48 -15.22 -8.87
N HIS A 35 -18.90 -15.63 -10.05
CA HIS A 35 -18.55 -14.93 -11.27
C HIS A 35 -19.06 -13.49 -11.23
N ALA A 36 -20.26 -13.32 -10.74
CA ALA A 36 -20.82 -11.97 -10.59
C ALA A 36 -19.94 -11.09 -9.68
N ALA A 37 -19.48 -11.64 -8.56
CA ALA A 37 -18.65 -10.94 -7.59
C ALA A 37 -17.34 -10.55 -8.22
N LEU A 38 -16.70 -11.50 -8.91
CA LEU A 38 -15.43 -11.22 -9.56
C LEU A 38 -15.57 -10.18 -10.68
N GLU A 39 -16.68 -10.21 -11.42
CA GLU A 39 -16.92 -9.20 -12.43
C GLU A 39 -16.88 -7.82 -11.75
N GLU A 40 -17.48 -7.73 -10.57
CA GLU A 40 -17.60 -6.44 -9.86
C GLU A 40 -16.28 -6.02 -9.27
N VAL A 41 -15.47 -6.98 -8.82
CA VAL A 41 -14.16 -6.68 -8.31
C VAL A 41 -13.35 -5.95 -9.36
N PHE A 42 -13.34 -6.50 -10.56
CA PHE A 42 -12.50 -5.91 -11.61
C PHE A 42 -13.12 -4.64 -12.24
N THR A 43 -14.44 -4.52 -12.20
CA THR A 43 -15.08 -3.24 -12.54
C THR A 43 -14.71 -2.13 -11.53
N LEU A 44 -14.78 -2.45 -10.23
CA LEU A 44 -14.35 -1.53 -9.17
C LEU A 44 -12.92 -1.06 -9.34
N LEU A 45 -12.03 -1.98 -9.67
CA LEU A 45 -10.62 -1.64 -9.86
C LEU A 45 -10.47 -0.68 -11.03
N GLN A 46 -11.22 -0.91 -12.10
CA GLN A 46 -11.20 0.04 -13.24
C GLN A 46 -11.76 1.42 -12.87
N GLN A 47 -12.90 1.46 -12.19
CA GLN A 47 -13.50 2.75 -11.84
C GLN A 47 -12.54 3.50 -10.91
N GLN A 48 -11.90 2.79 -10.00
CA GLN A 48 -11.08 3.47 -9.01
C GLN A 48 -9.76 3.93 -9.58
N GLU A 49 -9.30 3.31 -10.65
CA GLU A 49 -8.11 3.82 -11.32
C GLU A 49 -8.36 5.28 -11.69
N MET A 50 -9.62 5.60 -11.98
CA MET A 50 -10.02 6.91 -12.48
C MET A 50 -10.36 7.92 -11.39
N VAL A 51 -10.40 7.45 -10.16
CA VAL A 51 -10.55 8.31 -9.02
C VAL A 51 -9.17 8.66 -8.48
N LEU A 52 -8.36 7.66 -8.24
CA LEU A 52 -7.17 7.80 -7.40
C LEU A 52 -5.86 8.09 -8.10
N SER A 53 -5.79 7.90 -9.41
CA SER A 53 -4.47 7.88 -10.06
C SER A 53 -3.82 9.26 -10.08
N ALA A 54 -2.55 9.30 -9.71
CA ALA A 54 -1.79 10.56 -9.69
C ALA A 54 -1.16 10.83 -11.05
N ASN A 55 -0.95 9.76 -11.81
CA ASN A 55 -0.31 9.83 -13.12
C ASN A 55 -1.26 9.63 -14.31
N ARG A 56 -2.45 10.23 -14.22
CA ARG A 56 -3.41 10.25 -15.32
C ARG A 56 -4.18 11.56 -15.26
N ASP A 57 -4.36 12.20 -16.41
CA ASP A 57 -4.96 13.53 -16.45
C ASP A 57 -6.45 13.54 -16.15
N ASP A 58 -7.10 12.40 -16.34
CA ASP A 58 -8.56 12.34 -16.30
C ASP A 58 -9.10 12.22 -14.89
N SER A 59 -8.27 11.74 -13.98
CA SER A 59 -8.78 11.28 -12.70
C SER A 59 -9.24 12.39 -11.75
N ALA A 60 -10.04 12.02 -10.77
CA ALA A 60 -10.52 12.98 -9.79
C ALA A 60 -9.37 13.55 -8.98
N LEU A 61 -8.35 12.74 -8.71
CA LEU A 61 -7.19 13.24 -7.95
C LEU A 61 -6.41 14.31 -8.74
N ALA A 62 -6.29 14.10 -10.04
CA ALA A 62 -5.55 15.03 -10.89
C ALA A 62 -6.31 16.36 -10.95
N ALA A 63 -7.63 16.28 -11.05
CA ALA A 63 -8.50 17.47 -11.01
C ALA A 63 -8.39 18.23 -9.68
N LEU A 64 -8.28 17.49 -8.60
CA LEU A 64 -8.06 18.08 -7.27
C LEU A 64 -6.72 18.80 -7.20
N ASN A 65 -5.68 18.16 -7.72
CA ASN A 65 -4.35 18.75 -7.75
C ASN A 65 -4.28 19.97 -8.63
N ALA A 66 -5.08 19.96 -9.69
CA ALA A 66 -5.14 21.14 -10.56
C ALA A 66 -5.72 22.38 -9.83
N GLN A 67 -6.20 22.21 -8.60
CA GLN A 67 -6.76 23.30 -7.80
C GLN A 67 -5.94 23.64 -6.53
N ALA A 68 -4.68 23.23 -6.49
CA ALA A 68 -3.79 23.56 -5.40
C ALA A 68 -3.58 25.08 -5.30
N GLY A 69 -3.76 25.64 -4.11
CA GLY A 69 -3.71 27.08 -3.94
C GLY A 69 -4.98 27.69 -4.51
N SER A 70 -6.12 27.19 -4.07
CA SER A 70 -7.39 27.75 -4.47
C SER A 70 -8.52 27.28 -3.54
N ALA A 71 -9.74 27.23 -4.06
CA ALA A 71 -10.90 26.98 -3.22
C ALA A 71 -11.12 25.49 -3.02
N PRO A 72 -11.89 25.13 -1.98
CA PRO A 72 -12.16 23.71 -1.68
C PRO A 72 -12.86 22.97 -2.83
N VAL A 73 -12.56 21.68 -2.96
CA VAL A 73 -13.12 20.87 -4.03
C VAL A 73 -13.96 19.76 -3.44
N VAL A 74 -15.11 19.50 -4.03
CA VAL A 74 -15.99 18.45 -3.52
C VAL A 74 -15.50 17.10 -4.01
N VAL A 75 -15.44 16.13 -3.09
CA VAL A 75 -15.00 14.77 -3.39
C VAL A 75 -16.00 13.74 -2.83
N ASP A 76 -16.02 12.53 -3.41
CA ASP A 76 -16.89 11.48 -2.89
C ASP A 76 -16.44 11.01 -1.53
N ARG A 77 -17.35 10.38 -0.78
CA ARG A 77 -17.15 10.08 0.63
C ARG A 77 -15.95 9.16 0.81
N SER A 78 -15.75 8.32 -0.18
CA SER A 78 -14.71 7.29 -0.12
C SER A 78 -13.32 7.88 -0.23
N LEU A 79 -13.14 8.80 -1.16
CA LEU A 79 -11.86 9.49 -1.31
C LEU A 79 -11.55 10.35 -0.07
N TYR A 80 -12.57 11.04 0.42
CA TYR A 80 -12.43 11.80 1.65
C TYR A 80 -11.94 10.94 2.77
N ALA A 81 -12.56 9.76 2.95
CA ALA A 81 -12.21 8.88 4.06
C ALA A 81 -10.77 8.34 3.91
N LEU A 82 -10.37 8.08 2.68
CA LEU A 82 -9.00 7.65 2.39
C LEU A 82 -8.01 8.77 2.74
N LEU A 83 -8.31 9.98 2.32
CA LEU A 83 -7.44 11.12 2.68
C LEU A 83 -7.36 11.37 4.18
N GLU A 84 -8.48 11.24 4.88
CA GLU A 84 -8.46 11.34 6.33
C GLU A 84 -7.47 10.34 6.95
N ARG A 85 -7.54 9.11 6.48
CA ARG A 85 -6.71 8.04 7.03
C ARG A 85 -5.27 8.32 6.70
N ALA A 86 -5.01 8.78 5.48
CA ALA A 86 -3.65 9.10 5.07
C ALA A 86 -3.07 10.20 5.92
N LEU A 87 -3.84 11.25 6.22
CA LEU A 87 -3.33 12.33 7.07
C LEU A 87 -3.07 11.87 8.52
N PHE A 88 -3.93 10.99 9.02
CA PHE A 88 -3.72 10.37 10.30
C PHE A 88 -2.33 9.69 10.36
N PHE A 89 -2.01 8.91 9.34
CA PHE A 89 -0.72 8.20 9.34
C PHE A 89 0.45 9.15 9.08
N ALA A 90 0.22 10.21 8.32
CA ALA A 90 1.24 11.24 8.15
C ALA A 90 1.58 11.87 9.51
N GLU A 91 0.55 12.19 10.30
CA GLU A 91 0.77 12.74 11.65
C GLU A 91 1.48 11.73 12.57
N LYS A 92 0.98 10.51 12.67
CA LYS A 92 1.60 9.50 13.54
C LYS A 92 3.03 9.14 13.17
N SER A 93 3.35 9.16 11.88
CA SER A 93 4.66 8.73 11.45
C SER A 93 5.64 9.88 11.37
N GLY A 94 5.18 11.07 11.71
CA GLY A 94 6.04 12.24 11.64
C GLY A 94 6.46 12.54 10.22
N GLY A 95 5.56 12.30 9.27
CA GLY A 95 5.82 12.69 7.91
C GLY A 95 6.61 11.70 7.09
N ALA A 96 6.95 10.55 7.69
CA ALA A 96 7.65 9.42 7.07
C ALA A 96 6.81 8.85 5.94
N PHE A 97 5.52 8.78 6.21
CA PHE A 97 4.52 8.57 5.17
C PHE A 97 3.87 9.93 4.98
N ASN A 98 3.77 10.37 3.74
CA ASN A 98 3.28 11.72 3.45
C ASN A 98 2.55 11.73 2.12
N PRO A 99 1.23 11.94 2.19
CA PRO A 99 0.41 11.81 0.98
C PRO A 99 0.44 13.06 0.15
N ALA A 100 1.19 14.08 0.59
CA ALA A 100 1.32 15.35 -0.11
C ALA A 100 2.71 15.50 -0.75
N LEU A 101 3.31 14.38 -1.08
CA LEU A 101 4.66 14.33 -1.61
C LEU A 101 4.69 14.38 -3.14
N GLY A 102 3.56 14.68 -3.76
CA GLY A 102 3.48 14.70 -5.21
C GLY A 102 4.51 15.55 -5.96
N ALA A 103 4.84 16.72 -5.46
CA ALA A 103 5.80 17.57 -6.16
C ALA A 103 7.15 16.87 -6.30
N VAL A 104 7.53 16.14 -5.26
CA VAL A 104 8.79 15.40 -5.26
C VAL A 104 8.69 14.13 -6.09
N VAL A 105 7.61 13.39 -5.90
CA VAL A 105 7.42 12.14 -6.61
C VAL A 105 7.42 12.36 -8.12
N LYS A 106 6.77 13.42 -8.55
CA LYS A 106 6.70 13.75 -9.96
C LYS A 106 8.08 13.99 -10.58
N LEU A 107 8.97 14.66 -9.84
CA LEU A 107 10.34 14.83 -10.29
C LEU A 107 11.05 13.48 -10.43
N TRP A 108 10.92 12.65 -9.41
CA TRP A 108 11.53 11.33 -9.49
C TRP A 108 10.92 10.45 -10.57
N ASN A 109 9.61 10.58 -10.80
CA ASN A 109 8.95 9.79 -11.82
C ASN A 109 9.46 10.07 -13.23
N ILE A 110 9.81 11.31 -13.54
CA ILE A 110 10.43 11.58 -14.84
C ILE A 110 11.87 11.06 -14.80
N GLY A 111 12.49 11.16 -13.63
CA GLY A 111 13.82 10.59 -13.42
C GLY A 111 13.86 9.13 -13.85
N PHE A 112 12.85 8.36 -13.44
CA PHE A 112 12.82 6.94 -13.79
C PHE A 112 12.74 6.80 -15.30
N ASP A 113 11.79 7.51 -15.88
CA ASP A 113 11.56 7.46 -17.31
C ASP A 113 12.79 7.92 -18.09
N ARG A 114 13.64 8.73 -17.45
CA ARG A 114 14.81 9.31 -18.12
C ARG A 114 16.16 8.71 -17.71
N ALA A 115 16.18 7.91 -16.64
CA ALA A 115 17.44 7.41 -16.07
C ALA A 115 18.30 8.54 -15.48
N ALA A 116 17.62 9.56 -14.96
CA ALA A 116 18.31 10.74 -14.42
C ALA A 116 17.81 11.16 -13.04
N VAL A 117 18.76 11.51 -12.20
CA VAL A 117 18.52 12.05 -10.87
C VAL A 117 18.14 13.53 -11.00
N PRO A 118 17.08 13.95 -10.30
CA PRO A 118 16.65 15.37 -10.30
C PRO A 118 17.63 16.38 -9.70
N ASP A 119 17.61 17.58 -10.27
CA ASP A 119 18.49 18.65 -9.83
C ASP A 119 18.27 19.00 -8.37
N PRO A 120 19.36 19.29 -7.66
CA PRO A 120 19.34 19.53 -6.21
C PRO A 120 18.39 20.66 -5.85
N ASP A 121 18.39 21.71 -6.65
CA ASP A 121 17.57 22.88 -6.39
C ASP A 121 16.09 22.57 -6.61
N ALA A 122 15.80 21.98 -7.77
CA ALA A 122 14.44 21.57 -8.13
C ALA A 122 13.80 20.71 -7.04
N LEU A 123 14.58 19.78 -6.48
CA LEU A 123 14.12 18.96 -5.36
C LEU A 123 13.88 19.76 -4.10
N LYS A 124 14.81 20.67 -3.78
CA LYS A 124 14.68 21.48 -2.59
C LYS A 124 13.45 22.38 -2.73
N GLU A 125 13.20 22.82 -3.96
CA GLU A 125 12.04 23.65 -4.23
C GLU A 125 10.80 22.76 -4.06
N ALA A 126 10.87 21.56 -4.57
CA ALA A 126 9.69 20.69 -4.50
C ALA A 126 9.37 20.44 -3.02
N LEU A 127 10.40 20.27 -2.20
CA LEU A 127 10.16 20.04 -0.78
C LEU A 127 9.49 21.21 -0.03
N THR A 128 9.43 22.40 -0.62
CA THR A 128 8.67 23.49 0.02
C THR A 128 7.16 23.32 -0.19
N ARG A 129 6.78 22.37 -1.02
CA ARG A 129 5.38 22.22 -1.41
C ARG A 129 4.81 20.86 -0.96
N CYS A 130 5.31 20.28 0.13
CA CYS A 130 4.90 18.95 0.54
C CYS A 130 4.38 18.93 1.97
N ASP A 131 3.81 20.04 2.42
CA ASP A 131 3.37 20.12 3.83
C ASP A 131 1.98 19.55 4.01
N PHE A 132 1.87 18.30 4.44
CA PHE A 132 0.56 17.65 4.48
C PHE A 132 -0.35 18.35 5.47
N ARG A 133 0.22 19.12 6.38
CA ARG A 133 -0.61 19.86 7.35
C ARG A 133 -1.46 20.97 6.72
N GLN A 134 -1.17 21.28 5.46
CA GLN A 134 -1.93 22.25 4.72
C GLN A 134 -3.00 21.62 3.82
N VAL A 135 -3.25 20.33 4.00
CA VAL A 135 -4.40 19.71 3.39
C VAL A 135 -5.58 19.80 4.38
N HIS A 136 -6.59 20.56 4.00
CA HIS A 136 -7.75 20.78 4.85
C HIS A 136 -8.96 20.01 4.38
N LEU A 137 -9.37 19.03 5.20
CA LEU A 137 -10.54 18.22 4.96
C LEU A 137 -11.68 18.80 5.82
N ARG A 138 -12.78 19.15 5.16
CA ARG A 138 -13.99 19.59 5.86
C ARG A 138 -15.23 18.90 5.31
N ALA A 139 -16.14 18.55 6.21
CA ALA A 139 -17.38 17.90 5.87
C ALA A 139 -18.46 18.53 6.76
N GLY A 140 -19.46 19.11 6.16
CA GLY A 140 -20.58 19.70 6.89
C GLY A 140 -21.35 18.62 7.61
N VAL A 141 -22.06 19.00 8.67
CA VAL A 141 -22.70 18.01 9.53
C VAL A 141 -24.16 17.77 9.14
N SER A 142 -24.71 18.61 8.27
CA SER A 142 -26.12 18.55 7.94
C SER A 142 -26.39 17.44 6.93
N VAL A 143 -27.65 17.03 6.84
CA VAL A 143 -28.04 15.94 5.94
C VAL A 143 -27.56 16.21 4.52
N GLY A 144 -26.88 15.24 3.94
CA GLY A 144 -26.42 15.34 2.57
C GLY A 144 -25.36 16.41 2.31
N ALA A 145 -24.75 16.95 3.35
CA ALA A 145 -23.74 17.99 3.14
C ALA A 145 -22.52 17.40 2.41
N PRO A 146 -21.85 18.19 1.57
CA PRO A 146 -20.75 17.58 0.78
C PRO A 146 -19.43 17.47 1.57
N HIS A 147 -18.54 16.60 1.08
CA HIS A 147 -17.21 16.45 1.64
C HIS A 147 -16.27 17.24 0.75
N THR A 148 -15.34 17.99 1.33
CA THR A 148 -14.47 18.84 0.51
C THR A 148 -13.02 18.76 0.97
N VAL A 149 -12.14 19.08 0.04
CA VAL A 149 -10.72 19.10 0.29
C VAL A 149 -10.15 20.41 -0.22
N GLN A 150 -9.32 21.06 0.59
CA GLN A 150 -8.64 22.25 0.13
C GLN A 150 -7.13 22.08 0.30
N LEU A 151 -6.38 22.31 -0.77
CA LEU A 151 -4.90 22.30 -0.71
C LEU A 151 -4.44 23.73 -0.53
N ALA A 152 -4.12 24.12 0.70
CA ALA A 152 -3.90 25.55 0.96
C ALA A 152 -2.53 26.02 0.48
N GLN A 153 -1.54 25.14 0.49
CA GLN A 153 -0.18 25.47 0.06
C GLN A 153 -0.06 25.50 -1.48
N ALA A 154 0.49 26.59 -2.01
CA ALA A 154 0.63 26.78 -3.46
C ALA A 154 1.48 25.71 -4.17
N GLY A 155 0.91 25.08 -5.19
CA GLY A 155 1.59 24.05 -5.96
C GLY A 155 1.77 22.70 -5.25
N MET A 156 1.13 22.51 -4.11
CA MET A 156 1.18 21.24 -3.40
C MET A 156 0.40 20.23 -4.23
N GLN A 157 0.85 18.96 -4.24
CA GLN A 157 0.19 17.92 -5.01
C GLN A 157 0.06 16.63 -4.18
N LEU A 158 -1.13 16.04 -4.20
CA LEU A 158 -1.36 14.78 -3.54
C LEU A 158 -0.85 13.63 -4.40
N ASP A 159 -0.28 12.63 -3.75
CA ASP A 159 0.04 11.37 -4.43
C ASP A 159 -0.27 10.25 -3.45
N LEU A 160 -1.22 9.41 -3.83
CA LEU A 160 -1.72 8.45 -2.88
C LEU A 160 -1.16 7.09 -3.20
N GLY A 161 -0.09 7.06 -4.00
CA GLY A 161 0.50 5.82 -4.44
C GLY A 161 0.93 4.89 -3.31
N ALA A 162 1.28 5.42 -2.15
CA ALA A 162 1.85 4.55 -1.12
C ALA A 162 0.73 3.99 -0.21
N ILE A 163 -0.52 4.35 -0.48
CA ILE A 163 -1.62 3.83 0.34
C ILE A 163 -2.78 3.31 -0.51
N ALA A 164 -2.78 3.62 -1.81
CA ALA A 164 -3.91 3.32 -2.70
C ALA A 164 -4.21 1.82 -2.86
N LYS A 165 -3.18 0.99 -2.97
CA LYS A 165 -3.43 -0.44 -3.14
C LYS A 165 -4.07 -1.01 -1.88
N GLY A 166 -3.69 -0.50 -0.71
CA GLY A 166 -4.29 -1.02 0.51
C GLY A 166 -5.74 -0.63 0.62
N PHE A 167 -6.02 0.62 0.27
CA PHE A 167 -7.41 1.11 0.16
C PHE A 167 -8.25 0.22 -0.78
N LEU A 168 -7.75 -0.05 -1.97
CA LEU A 168 -8.50 -0.88 -2.92
C LEU A 168 -8.69 -2.32 -2.42
N ALA A 169 -7.67 -2.86 -1.77
CA ALA A 169 -7.75 -4.22 -1.25
C ALA A 169 -8.86 -4.30 -0.22
N ASP A 170 -8.91 -3.31 0.68
CA ASP A 170 -9.96 -3.26 1.70
C ASP A 170 -11.35 -3.10 1.06
N LYS A 171 -11.44 -2.29 0.02
CA LYS A 171 -12.70 -2.14 -0.70
C LYS A 171 -13.16 -3.42 -1.38
N ILE A 172 -12.19 -4.17 -1.91
CA ILE A 172 -12.48 -5.46 -2.56
C ILE A 172 -12.91 -6.46 -1.51
N VAL A 173 -12.23 -6.48 -0.36
CA VAL A 173 -12.70 -7.34 0.72
C VAL A 173 -14.16 -7.02 1.13
N GLN A 174 -14.51 -5.74 1.22
CA GLN A 174 -15.88 -5.38 1.58
C GLN A 174 -16.87 -5.89 0.51
N LEU A 175 -16.48 -5.78 -0.75
CA LEU A 175 -17.33 -6.26 -1.85
C LEU A 175 -17.54 -7.78 -1.83
N LEU A 176 -16.47 -8.52 -1.59
CA LEU A 176 -16.52 -9.96 -1.52
C LEU A 176 -17.46 -10.37 -0.39
N THR A 177 -17.35 -9.68 0.73
CA THR A 177 -18.21 -9.95 1.87
C THR A 177 -19.68 -9.63 1.55
N ALA A 178 -19.90 -8.56 0.81
CA ALA A 178 -21.26 -8.19 0.42
C ALA A 178 -21.86 -9.26 -0.48
N HIS A 179 -21.00 -10.01 -1.18
CA HIS A 179 -21.44 -11.14 -2.02
C HIS A 179 -21.43 -12.51 -1.35
N ALA A 180 -21.32 -12.51 -0.02
CA ALA A 180 -21.44 -13.72 0.78
C ALA A 180 -20.27 -14.65 0.54
N LEU A 181 -19.13 -14.06 0.21
CA LEU A 181 -17.87 -14.78 0.08
C LEU A 181 -17.02 -14.54 1.32
N ASP A 182 -16.48 -15.60 1.90
CA ASP A 182 -15.77 -15.46 3.17
C ASP A 182 -14.43 -16.17 3.11
N SER A 183 -14.00 -16.56 1.92
CA SER A 183 -12.71 -17.23 1.70
C SER A 183 -12.08 -16.72 0.40
N ALA A 184 -11.07 -15.87 0.52
CA ALA A 184 -10.42 -15.32 -0.65
C ALA A 184 -9.01 -14.87 -0.33
N LEU A 185 -8.21 -14.77 -1.38
CA LEU A 185 -6.88 -14.17 -1.33
C LEU A 185 -6.79 -13.10 -2.43
N VAL A 186 -6.61 -11.86 -2.01
CA VAL A 186 -6.55 -10.72 -2.91
C VAL A 186 -5.10 -10.29 -3.05
N ASP A 187 -4.62 -10.13 -4.28
CA ASP A 187 -3.25 -9.77 -4.55
C ASP A 187 -3.24 -8.64 -5.54
N LEU A 188 -2.93 -7.44 -5.07
CA LEU A 188 -2.88 -6.28 -5.94
C LEU A 188 -1.46 -5.81 -6.06
N GLY A 189 -0.79 -6.18 -7.13
CA GLY A 189 0.63 -5.89 -7.28
C GLY A 189 1.44 -6.23 -6.05
N GLY A 190 1.18 -7.39 -5.45
CA GLY A 190 1.94 -7.83 -4.29
C GLY A 190 1.39 -7.43 -2.93
N ASN A 191 0.38 -6.55 -2.93
N ASN A 191 0.44 -6.50 -2.89
CA ASN A 191 -0.35 -6.14 -1.72
CA ASN A 191 -0.24 -6.23 -1.65
C ASN A 191 -1.41 -7.20 -1.43
C ASN A 191 -1.29 -7.29 -1.50
N ILE A 192 -1.21 -8.03 -0.39
CA ILE A 192 -2.05 -9.16 -0.16
C ILE A 192 -3.09 -8.94 0.92
N PHE A 193 -4.31 -9.39 0.66
CA PHE A 193 -5.26 -9.60 1.75
C PHE A 193 -5.77 -11.04 1.77
N ALA A 194 -5.67 -11.66 2.94
CA ALA A 194 -6.08 -13.02 3.19
C ALA A 194 -7.38 -13.00 3.96
N LEU A 195 -8.46 -13.25 3.24
CA LEU A 195 -9.78 -13.20 3.82
C LEU A 195 -10.20 -14.59 4.26
N GLY A 196 -10.51 -14.76 5.55
CA GLY A 196 -10.96 -16.02 6.05
C GLY A 196 -9.87 -17.07 5.98
N LEU A 197 -10.33 -18.30 5.88
CA LEU A 197 -9.49 -19.51 5.76
C LEU A 197 -9.64 -20.13 4.38
N LYS A 198 -8.60 -20.82 3.92
CA LYS A 198 -8.68 -21.53 2.66
C LYS A 198 -9.17 -22.95 2.98
N TYR A 199 -9.33 -23.77 1.95
CA TYR A 199 -9.77 -25.15 2.15
C TYR A 199 -8.58 -26.04 1.86
N GLY A 200 -8.56 -27.20 2.51
CA GLY A 200 -7.61 -28.24 2.19
C GLY A 200 -8.20 -29.22 1.18
N ALA A 207 -12.14 -30.52 3.00
CA ALA A 207 -13.14 -30.08 3.95
C ALA A 207 -12.50 -29.41 5.17
N GLN A 208 -11.20 -29.61 5.35
CA GLN A 208 -10.50 -28.92 6.42
C GLN A 208 -10.26 -27.47 6.03
N ARG A 209 -10.39 -26.58 7.00
CA ARG A 209 -10.12 -25.14 6.80
C ARG A 209 -8.74 -24.79 7.36
N LEU A 210 -7.95 -24.05 6.57
CA LEU A 210 -6.56 -23.77 6.95
C LEU A 210 -6.21 -22.32 6.70
N GLU A 211 -5.23 -21.82 7.43
CA GLU A 211 -4.73 -20.46 7.17
C GLU A 211 -4.12 -20.37 5.77
N TRP A 212 -4.18 -19.18 5.21
CA TRP A 212 -3.53 -18.88 3.96
C TRP A 212 -2.03 -18.76 4.24
N ASN A 213 -1.20 -19.25 3.31
CA ASN A 213 0.24 -19.18 3.48
C ASN A 213 0.82 -18.14 2.53
N VAL A 214 1.24 -17.01 3.07
CA VAL A 214 1.72 -15.91 2.23
C VAL A 214 3.25 -15.84 2.22
N GLY A 215 3.85 -15.89 1.05
CA GLY A 215 5.31 -15.80 0.91
C GLY A 215 5.83 -14.36 0.92
N ILE A 216 7.04 -14.19 1.44
CA ILE A 216 7.75 -12.92 1.45
C ILE A 216 9.01 -13.15 0.67
N ARG A 217 9.30 -12.31 -0.34
CA ARG A 217 10.49 -12.56 -1.16
C ARG A 217 11.81 -12.18 -0.50
N ASP A 218 12.87 -12.82 -1.01
CA ASP A 218 14.24 -12.38 -0.78
C ASP A 218 14.33 -11.00 -1.39
N PRO A 219 14.68 -9.99 -0.57
CA PRO A 219 14.78 -8.63 -1.09
C PRO A 219 15.71 -8.47 -2.30
N HIS A 220 16.68 -9.35 -2.43
CA HIS A 220 17.67 -9.29 -3.51
C HIS A 220 17.50 -10.44 -4.50
N GLY A 221 16.38 -11.12 -4.46
CA GLY A 221 16.18 -12.28 -5.30
C GLY A 221 15.21 -11.96 -6.41
N THR A 222 15.26 -12.72 -7.50
CA THR A 222 14.36 -12.51 -8.63
C THR A 222 12.89 -12.43 -8.19
N GLY A 223 12.59 -13.04 -7.05
CA GLY A 223 11.24 -13.03 -6.51
C GLY A 223 10.48 -14.32 -6.77
N GLN A 224 10.99 -15.12 -7.71
CA GLN A 224 10.34 -16.36 -8.13
C GLN A 224 10.03 -17.30 -6.96
N LYS A 225 10.93 -17.35 -5.98
CA LYS A 225 10.71 -18.15 -4.77
C LYS A 225 10.70 -17.24 -3.55
N PRO A 226 9.84 -17.54 -2.58
CA PRO A 226 9.79 -16.80 -1.32
C PRO A 226 10.92 -17.19 -0.37
N ALA A 227 11.44 -16.26 0.40
CA ALA A 227 12.41 -16.59 1.42
C ALA A 227 11.74 -17.19 2.65
N LEU A 228 10.51 -16.78 2.91
CA LEU A 228 9.82 -17.07 4.15
C LEU A 228 8.36 -17.17 3.77
N VAL A 229 7.58 -17.84 4.61
CA VAL A 229 6.13 -17.91 4.44
C VAL A 229 5.48 -17.65 5.80
N VAL A 230 4.38 -16.88 5.81
CA VAL A 230 3.66 -16.64 7.06
C VAL A 230 2.21 -17.07 6.89
N SER A 231 1.68 -17.80 7.86
CA SER A 231 0.29 -18.26 7.83
C SER A 231 -0.60 -17.25 8.52
N VAL A 232 -1.67 -16.85 7.82
CA VAL A 232 -2.53 -15.74 8.26
C VAL A 232 -4.03 -16.00 7.94
N ARG A 233 -4.90 -15.35 8.71
CA ARG A 233 -6.34 -15.33 8.46
C ARG A 233 -6.82 -13.90 8.67
N ASP A 234 -7.64 -13.37 7.75
CA ASP A 234 -8.28 -12.05 7.98
C ASP A 234 -7.25 -10.96 8.27
N CYS A 235 -6.29 -10.82 7.37
CA CYS A 235 -5.09 -10.06 7.63
C CYS A 235 -4.52 -9.61 6.30
N SER A 236 -3.98 -8.41 6.28
CA SER A 236 -3.31 -7.92 5.09
C SER A 236 -1.84 -8.23 5.26
N VAL A 237 -1.10 -8.37 4.17
CA VAL A 237 0.37 -8.47 4.27
C VAL A 237 0.95 -7.57 3.19
N VAL A 238 1.60 -6.51 3.60
CA VAL A 238 2.10 -5.53 2.65
C VAL A 238 3.56 -5.33 2.93
N THR A 239 4.39 -5.42 1.90
CA THR A 239 5.85 -5.36 2.05
C THR A 239 6.42 -4.16 1.30
N SER A 240 7.32 -3.40 1.95
CA SER A 240 8.06 -2.36 1.30
C SER A 240 9.49 -2.80 1.20
N GLY A 241 10.09 -2.60 0.03
CA GLY A 241 11.49 -2.86 -0.19
C GLY A 241 11.99 -1.99 -1.35
N ALA A 242 13.30 -1.74 -1.40
CA ALA A 242 13.93 -1.02 -2.51
C ALA A 242 13.80 -1.65 -3.89
N TYR A 243 13.44 -2.94 -3.94
CA TYR A 243 13.35 -3.66 -5.20
C TYR A 243 12.03 -3.52 -5.92
N GLU A 244 11.05 -2.86 -5.31
CA GLU A 244 9.73 -2.81 -5.95
C GLU A 244 9.80 -2.01 -7.23
N ARG A 245 10.64 -0.97 -7.23
CA ARG A 245 10.75 -0.09 -8.38
C ARG A 245 12.04 0.70 -8.18
N PHE A 246 12.96 0.62 -9.13
CA PHE A 246 14.18 1.42 -9.06
C PHE A 246 14.79 1.60 -10.46
N PHE A 247 15.76 2.51 -10.55
CA PHE A 247 16.61 2.63 -11.72
C PHE A 247 18.03 2.86 -11.26
N GLU A 248 18.95 2.69 -12.17
CA GLU A 248 20.37 2.81 -11.86
C GLU A 248 20.99 3.87 -12.78
N ARG A 249 21.92 4.64 -12.23
CA ARG A 249 22.67 5.62 -13.00
C ARG A 249 24.04 5.80 -12.33
N ASP A 250 25.10 5.63 -13.11
CA ASP A 250 26.48 5.70 -12.64
C ASP A 250 26.76 4.84 -11.41
N GLY A 251 26.29 3.60 -11.41
CA GLY A 251 26.58 2.68 -10.32
C GLY A 251 25.69 2.79 -9.10
N VAL A 252 24.76 3.74 -9.10
CA VAL A 252 23.89 3.95 -7.94
C VAL A 252 22.44 3.54 -8.24
N ARG A 253 21.81 2.80 -7.31
CA ARG A 253 20.40 2.48 -7.42
C ARG A 253 19.56 3.53 -6.71
N TYR A 254 18.52 4.01 -7.41
CA TYR A 254 17.57 4.95 -6.86
C TYR A 254 16.23 4.29 -6.82
N HIS A 255 15.80 3.90 -5.60
CA HIS A 255 14.51 3.22 -5.44
C HIS A 255 13.39 4.23 -5.21
N HIS A 256 12.16 3.74 -5.23
CA HIS A 256 10.96 4.58 -5.24
C HIS A 256 10.46 5.11 -3.89
N ILE A 257 10.97 4.58 -2.79
CA ILE A 257 10.50 4.99 -1.50
C ILE A 257 11.31 6.22 -1.02
N ILE A 258 10.73 7.39 -1.19
CA ILE A 258 11.41 8.66 -0.86
C ILE A 258 11.36 9.04 0.62
N ASP A 259 12.50 9.47 1.16
CA ASP A 259 12.59 10.01 2.52
C ASP A 259 12.16 11.49 2.47
N PRO A 260 11.11 11.84 3.17
CA PRO A 260 10.66 13.23 2.93
C PRO A 260 11.58 14.29 3.51
N VAL A 261 12.56 13.90 4.33
CA VAL A 261 13.51 14.88 4.85
C VAL A 261 14.56 15.27 3.82
N THR A 262 14.99 14.29 3.03
CA THR A 262 16.06 14.50 2.07
C THR A 262 15.60 14.71 0.65
N GLY A 263 14.38 14.27 0.35
CA GLY A 263 13.91 14.28 -1.03
C GLY A 263 14.55 13.23 -1.92
N PHE A 264 15.33 12.30 -1.34
CA PHE A 264 15.98 11.22 -2.07
C PHE A 264 15.47 9.86 -1.56
N PRO A 265 15.67 8.78 -2.34
CA PRO A 265 15.30 7.46 -1.83
C PRO A 265 15.90 7.20 -0.46
N ALA A 266 15.08 6.62 0.42
CA ALA A 266 15.46 6.45 1.82
C ALA A 266 16.64 5.52 1.97
N HIS A 267 17.55 5.87 2.87
CA HIS A 267 18.69 5.02 3.24
C HIS A 267 18.32 4.46 4.56
N THR A 268 18.18 3.15 4.65
CA THR A 268 17.62 2.58 5.87
C THR A 268 18.37 1.31 6.25
N ASP A 269 18.13 0.77 7.44
CA ASP A 269 18.96 -0.33 7.92
C ASP A 269 18.26 -1.67 7.72
N VAL A 270 17.14 -1.66 7.00
CA VAL A 270 16.41 -2.89 6.67
C VAL A 270 16.32 -3.01 5.16
N ASP A 271 16.27 -4.25 4.67
CA ASP A 271 16.06 -4.49 3.24
C ASP A 271 14.58 -4.59 2.90
N SER A 272 13.75 -5.03 3.83
CA SER A 272 12.29 -5.01 3.63
C SER A 272 11.55 -5.01 4.95
N VAL A 273 10.35 -4.45 4.93
CA VAL A 273 9.48 -4.53 6.08
C VAL A 273 8.13 -4.97 5.56
N SER A 274 7.53 -5.88 6.31
CA SER A 274 6.25 -6.46 5.96
C SER A 274 5.32 -6.19 7.11
N ILE A 275 4.15 -5.59 6.84
CA ILE A 275 3.20 -5.25 7.88
C ILE A 275 1.94 -6.10 7.78
N PHE A 276 1.52 -6.64 8.90
CA PHE A 276 0.36 -7.48 8.99
C PHE A 276 -0.69 -6.74 9.81
N ALA A 277 -1.80 -6.37 9.18
CA ALA A 277 -2.83 -5.60 9.86
C ALA A 277 -4.20 -6.08 9.40
N PRO A 278 -5.21 -5.83 10.24
CA PRO A 278 -6.62 -6.09 9.92
C PRO A 278 -7.11 -5.28 8.73
N ARG A 279 -6.52 -4.11 8.52
CA ARG A 279 -6.87 -3.32 7.35
C ARG A 279 -5.67 -3.12 6.48
N SER A 280 -5.82 -3.41 5.19
CA SER A 280 -4.73 -3.22 4.25
C SER A 280 -4.33 -1.74 4.07
N THR A 281 -5.30 -0.82 4.19
CA THR A 281 -4.96 0.62 4.13
C THR A 281 -3.89 0.98 5.17
N ASP A 282 -4.05 0.45 6.37
CA ASP A 282 -3.13 0.74 7.47
C ASP A 282 -1.77 0.07 7.23
N ALA A 283 -1.81 -1.13 6.67
CA ALA A 283 -0.62 -1.92 6.45
C ALA A 283 0.22 -1.21 5.38
N ASP A 284 -0.47 -0.66 4.39
CA ASP A 284 0.20 -0.02 3.27
C ASP A 284 0.93 1.24 3.75
N ALA A 285 0.21 2.09 4.49
CA ALA A 285 0.82 3.32 4.97
C ALA A 285 2.00 3.01 5.90
N LEU A 286 1.78 2.11 6.85
CA LEU A 286 2.83 1.75 7.80
C LEU A 286 4.05 1.12 7.18
N ALA A 287 3.87 0.27 6.17
CA ALA A 287 5.00 -0.38 5.54
C ALA A 287 5.93 0.68 4.92
N THR A 288 5.32 1.71 4.33
CA THR A 288 6.08 2.81 3.74
C THR A 288 6.79 3.63 4.83
N ALA A 289 6.06 4.04 5.85
CA ALA A 289 6.68 4.81 6.92
C ALA A 289 7.81 4.00 7.54
N CYS A 290 7.57 2.71 7.75
CA CYS A 290 8.53 1.92 8.53
C CYS A 290 9.83 1.78 7.77
N PHE A 291 9.71 1.61 6.46
CA PHE A 291 10.92 1.51 5.65
C PHE A 291 11.78 2.75 5.84
N VAL A 292 11.12 3.91 5.78
CA VAL A 292 11.84 5.18 5.91
C VAL A 292 12.42 5.34 7.29
N LEU A 293 11.65 4.95 8.30
CA LEU A 293 12.06 5.14 9.68
C LEU A 293 13.23 4.23 10.09
N GLY A 294 13.32 3.04 9.51
CA GLY A 294 14.34 2.10 9.95
C GLY A 294 13.87 1.33 11.16
N TYR A 295 14.63 0.32 11.57
CA TYR A 295 14.13 -0.66 12.53
C TYR A 295 13.75 -0.09 13.89
N GLU A 296 14.65 0.64 14.54
CA GLU A 296 14.35 1.05 15.90
C GLU A 296 13.19 2.02 15.98
N LYS A 297 13.16 3.00 15.06
CA LYS A 297 12.08 3.97 15.06
C LYS A 297 10.74 3.31 14.65
N SER A 298 10.81 2.27 13.82
CA SER A 298 9.61 1.55 13.44
C SER A 298 9.01 0.87 14.64
N CYS A 299 9.85 0.19 15.40
CA CYS A 299 9.38 -0.53 16.56
C CYS A 299 8.64 0.42 17.48
N ALA A 300 9.16 1.64 17.59
CA ALA A 300 8.55 2.67 18.45
C ALA A 300 7.18 3.03 17.91
N LEU A 301 7.10 3.30 16.61
CA LEU A 301 5.83 3.66 15.98
C LEU A 301 4.80 2.54 16.11
N LEU A 302 5.23 1.30 15.94
CA LEU A 302 4.30 0.20 15.89
C LEU A 302 3.73 -0.10 17.27
N ARG A 303 4.41 0.30 18.33
CA ARG A 303 3.85 0.15 19.68
C ARG A 303 2.57 0.99 19.86
N GLU A 304 2.46 2.02 19.04
CA GLU A 304 1.25 2.82 19.02
C GLU A 304 0.09 2.15 18.26
N PHE A 305 0.37 1.03 17.60
CA PHE A 305 -0.65 0.27 16.88
C PHE A 305 -0.61 -1.21 17.31
N PRO A 306 -1.15 -1.50 18.51
CA PRO A 306 -1.11 -2.83 19.13
C PRO A 306 -1.65 -3.95 18.27
N GLY A 307 -2.70 -3.70 17.50
CA GLY A 307 -3.25 -4.77 16.69
C GLY A 307 -2.49 -5.05 15.39
N VAL A 308 -1.31 -4.47 15.23
CA VAL A 308 -0.54 -4.66 13.99
C VAL A 308 0.73 -5.45 14.28
N ASP A 309 1.18 -6.28 13.34
CA ASP A 309 2.45 -7.01 13.51
C ASP A 309 3.38 -6.69 12.35
N ALA A 310 4.67 -6.99 12.52
CA ALA A 310 5.67 -6.64 11.51
C ALA A 310 6.75 -7.69 11.40
N LEU A 311 7.37 -7.72 10.23
CA LEU A 311 8.46 -8.63 9.97
C LEU A 311 9.52 -7.86 9.20
N PHE A 312 10.74 -7.85 9.73
CA PHE A 312 11.83 -7.10 9.11
C PHE A 312 12.87 -8.05 8.53
N ILE A 313 13.33 -7.81 7.31
CA ILE A 313 14.44 -8.56 6.75
C ILE A 313 15.61 -7.61 6.67
N PHE A 314 16.71 -8.03 7.29
CA PHE A 314 17.89 -7.21 7.34
C PHE A 314 18.84 -7.55 6.23
N PRO A 315 19.76 -6.63 5.93
CA PRO A 315 20.73 -6.86 4.85
C PRO A 315 21.63 -8.06 5.12
N ASP A 316 21.76 -8.47 6.37
CA ASP A 316 22.56 -9.64 6.68
C ASP A 316 21.72 -10.94 6.75
N LYS A 317 20.48 -10.88 6.25
CA LYS A 317 19.55 -12.00 6.16
C LYS A 317 19.02 -12.48 7.49
N ARG A 318 19.27 -11.71 8.55
CA ARG A 318 18.54 -11.92 9.79
C ARG A 318 17.11 -11.46 9.61
N VAL A 319 16.17 -12.14 10.28
CA VAL A 319 14.75 -11.80 10.20
C VAL A 319 14.20 -11.63 11.62
N ARG A 320 13.52 -10.51 11.89
CA ARG A 320 12.87 -10.28 13.18
C ARG A 320 11.40 -10.06 12.97
N ALA A 321 10.61 -10.70 13.81
CA ALA A 321 9.17 -10.66 13.61
C ALA A 321 8.55 -10.39 14.96
N SER A 322 7.44 -9.66 14.99
CA SER A 322 6.86 -9.32 16.28
C SER A 322 6.07 -10.51 16.84
N ALA A 323 5.74 -10.43 18.13
CA ALA A 323 5.20 -11.55 18.90
C ALA A 323 3.94 -12.12 18.29
N GLY A 324 3.14 -11.26 17.69
CA GLY A 324 1.90 -11.69 17.10
C GLY A 324 2.01 -12.69 15.97
N ILE A 325 3.12 -12.68 15.24
CA ILE A 325 3.23 -13.52 14.06
C ILE A 325 4.42 -14.42 14.03
N VAL A 326 5.38 -14.21 14.94
CA VAL A 326 6.65 -14.91 14.82
C VAL A 326 6.46 -16.43 14.82
N ASP A 327 5.48 -16.92 15.56
CA ASP A 327 5.25 -18.36 15.63
C ASP A 327 4.62 -18.89 14.34
N ARG A 328 4.13 -17.97 13.50
CA ARG A 328 3.51 -18.35 12.23
C ARG A 328 4.46 -18.22 11.03
N VAL A 329 5.73 -17.92 11.29
CA VAL A 329 6.72 -17.73 10.23
C VAL A 329 7.55 -19.00 10.01
N ARG A 330 7.72 -19.38 8.75
CA ARG A 330 8.57 -20.50 8.39
C ARG A 330 9.61 -20.03 7.38
N VAL A 331 10.89 -20.28 7.65
CA VAL A 331 11.92 -20.01 6.66
C VAL A 331 11.96 -21.08 5.58
N LEU A 332 11.93 -20.67 4.32
CA LEU A 332 12.04 -21.60 3.20
C LEU A 332 13.40 -21.57 2.55
N ASP A 333 14.06 -20.43 2.59
CA ASP A 333 15.41 -20.29 2.07
C ASP A 333 16.37 -20.21 3.25
N ALA A 334 17.20 -21.26 3.40
CA ALA A 334 17.96 -21.47 4.61
C ALA A 334 19.11 -20.47 4.80
N ARG A 335 19.37 -19.65 3.78
CA ARG A 335 20.28 -18.53 3.97
C ARG A 335 19.74 -17.49 4.97
N PHE A 336 18.42 -17.46 5.18
CA PHE A 336 17.78 -16.52 6.14
C PHE A 336 17.64 -17.18 7.52
N VAL A 337 17.83 -16.37 8.53
CA VAL A 337 17.72 -16.79 9.91
C VAL A 337 16.66 -16.00 10.66
N LEU A 338 15.69 -16.73 11.23
CA LEU A 338 14.63 -16.12 12.03
C LEU A 338 15.11 -16.02 13.48
N GLU A 339 15.30 -14.81 13.98
CA GLU A 339 15.71 -14.61 15.38
C GLU A 339 14.46 -14.72 16.24
N ARG A 340 14.58 -15.40 17.37
CA ARG A 340 13.43 -15.56 18.24
C ARG A 340 13.65 -14.82 19.58
MG MG B . 2.82 1.66 1.19
#